data_3POV
#
_entry.id   3POV
#
_cell.length_a   54.520
_cell.length_b   67.660
_cell.length_c   174.560
_cell.angle_alpha   90.00
_cell.angle_beta   90.00
_cell.angle_gamma   90.00
#
_symmetry.space_group_name_H-M   'P 21 21 21'
#
loop_
_entity.id
_entity.type
_entity.pdbx_description
1 polymer 'ORF 37'
2 polymer "DNA (5'-D(*GP*GP*GP*AP*TP*CP*CP*TP*CP*CP*CP*AP*GP*TP*CP*GP*AP*CP*C)-3')"
3 polymer "DNA (5'-D(*GP*GP*TP*CP*GP*AP*CP*TP*AP*GP*GP*AP*GP*GP*AP*TP*CP*CP*C)-3')"
4 non-polymer 'MAGNESIUM ION'
5 non-polymer 'FORMIC ACID'
6 water water
#
loop_
_entity_poly.entity_id
_entity_poly.type
_entity_poly.pdbx_seq_one_letter_code
_entity_poly.pdbx_strand_id
1 'polypeptide(L)'
;GAMEATPTPADLFSEDYLVDTLDGLTVDDQQAVLASLSFSKFLKHAKVRDWCAQAKIQPSMPALRMAYNYFLFSKVGEFI
GSEDVCNFFVDRVFGGVRLLDVASVYAACSQMNAHQRHHICCLVERATSSQSLNPVWDALRDGIISSSKFHWAVKQQNTS
KKIFSPWPITNNHFVAGPLAFGLRCEEVVKTLLATLLHPDETNCLDYGFMQSPQNGIFGVSLDFAANVKTDTEGRLQFDP
NCKVYEIKCRFKYTFAKMECDPIYAAYQRLYEAPGKLALKDFFYSISKPAVEYVGLGKLPSESDYLVAYDQEWEACPRKK
RKLTPLHNLIRECILHNSTTESDVYVLTDPQDTRGQISIKARFKANLFVNVRHSYFYQVLLQSSIVEEYIGLDSGIPRLG
SPKYYIATGFFRKRGYQDPVNCTIGGDALDPHVEIPTLLIVTPVYFPRGAKHRLLHQAANFWSRSAKDTFPYIKWDFSYL
SANVPHSP
;
A
2 'polydeoxyribonucleotide' (DG)(DG)(DG)(DA)(DT)(DC)(DC)(DT)(DC)(DC)(DC)(DA)(DG)(DT)(DC)(DG)(DA)(DC)(DC) C
3 'polydeoxyribonucleotide' (DG)(DG)(DT)(DC)(DG)(DA)(DC)(DT)(DA)(DG)(DG)(DA)(DG)(DG)(DA)(DT)(DC)(DC)(DC) D
#
# COMPACT_ATOMS: atom_id res chain seq x y z
N THR A 6 -21.61 -14.02 4.23
CA THR A 6 -22.22 -14.00 2.91
C THR A 6 -23.61 -14.65 2.91
N PRO A 7 -23.73 -15.85 3.52
CA PRO A 7 -25.08 -16.35 3.76
C PRO A 7 -25.64 -15.77 5.06
N THR A 8 -24.74 -15.21 5.88
CA THR A 8 -25.12 -14.65 7.17
C THR A 8 -24.64 -13.20 7.32
N PRO A 9 -25.11 -12.30 6.43
CA PRO A 9 -24.66 -10.90 6.42
C PRO A 9 -25.05 -10.15 7.69
N ALA A 10 -24.08 -9.44 8.28
CA ALA A 10 -24.30 -8.76 9.55
C ALA A 10 -24.89 -7.35 9.40
N ASP A 11 -25.64 -6.93 10.42
CA ASP A 11 -26.27 -5.61 10.42
C ASP A 11 -25.48 -4.66 11.31
N LEU A 12 -25.17 -3.48 10.76
CA LEU A 12 -24.40 -2.48 11.49
C LEU A 12 -25.30 -1.73 12.48
N PHE A 13 -26.60 -1.81 12.26
CA PHE A 13 -27.58 -1.14 13.13
C PHE A 13 -28.43 -2.14 13.90
N SER A 14 -27.80 -2.89 14.80
CA SER A 14 -28.51 -3.85 15.64
C SER A 14 -27.63 -4.30 16.80
N GLU A 15 -28.27 -4.68 17.91
CA GLU A 15 -27.53 -5.06 19.11
C GLU A 15 -27.07 -6.52 19.04
N ASP A 16 -27.35 -7.17 17.92
CA ASP A 16 -26.88 -8.53 17.69
C ASP A 16 -25.37 -8.59 17.87
N TYR A 17 -24.89 -9.66 18.49
CA TYR A 17 -23.47 -9.80 18.75
C TYR A 17 -22.76 -10.49 17.59
N LEU A 18 -21.80 -9.79 17.00
CA LEU A 18 -20.99 -10.37 15.94
C LEU A 18 -20.43 -11.72 16.41
N VAL A 19 -19.72 -11.70 17.52
CA VAL A 19 -19.07 -12.89 18.06
C VAL A 19 -20.00 -14.11 17.98
N ASP A 20 -21.29 -13.88 18.20
CA ASP A 20 -22.27 -14.97 18.15
C ASP A 20 -22.35 -15.56 16.75
N THR A 21 -22.00 -14.76 15.76
CA THR A 21 -22.02 -15.20 14.36
C THR A 21 -20.66 -15.60 13.78
N LEU A 22 -19.55 -15.17 14.39
CA LEU A 22 -18.24 -15.59 13.88
C LEU A 22 -17.36 -16.30 14.89
N ASP A 23 -17.87 -17.36 15.51
CA ASP A 23 -16.99 -18.16 16.35
C ASP A 23 -16.50 -19.36 15.55
N GLY A 24 -17.45 -20.07 14.94
CA GLY A 24 -17.16 -21.27 14.19
C GLY A 24 -16.30 -20.99 12.97
N LEU A 25 -16.77 -20.07 12.13
CA LEU A 25 -16.14 -19.81 10.83
C LEU A 25 -14.62 -19.65 10.92
N THR A 26 -13.95 -19.92 9.81
CA THR A 26 -12.50 -19.74 9.71
C THR A 26 -12.15 -18.26 9.58
N VAL A 27 -10.84 -17.97 9.54
CA VAL A 27 -10.34 -16.61 9.46
C VAL A 27 -10.63 -15.95 8.11
N ASP A 28 -11.32 -16.68 7.24
CA ASP A 28 -11.54 -16.23 5.87
C ASP A 28 -13.02 -16.14 5.54
N ASP A 29 -13.84 -16.88 6.29
CA ASP A 29 -15.27 -16.79 6.15
C ASP A 29 -15.79 -15.70 7.06
N GLN A 30 -14.98 -15.36 8.06
CA GLN A 30 -15.29 -14.27 8.96
C GLN A 30 -15.22 -12.95 8.21
N GLN A 31 -14.17 -12.78 7.43
CA GLN A 31 -14.01 -11.54 6.66
C GLN A 31 -15.16 -11.36 5.67
N ALA A 32 -15.69 -12.47 5.16
CA ALA A 32 -16.83 -12.42 4.25
C ALA A 32 -18.06 -11.91 4.99
N VAL A 33 -18.23 -12.36 6.23
CA VAL A 33 -19.31 -11.90 7.09
C VAL A 33 -19.15 -10.41 7.42
N LEU A 34 -17.92 -9.98 7.64
CA LEU A 34 -17.63 -8.58 7.96
C LEU A 34 -17.66 -7.70 6.72
N ALA A 35 -17.50 -8.31 5.55
CA ALA A 35 -17.49 -7.57 4.31
C ALA A 35 -18.80 -6.84 4.10
N SER A 36 -19.81 -7.20 4.90
CA SER A 36 -21.13 -6.58 4.81
C SER A 36 -21.29 -5.41 5.80
N LEU A 37 -20.27 -5.18 6.61
CA LEU A 37 -20.26 -4.05 7.54
C LEU A 37 -19.43 -2.91 6.97
N SER A 38 -19.40 -2.82 5.65
CA SER A 38 -18.55 -1.85 4.99
C SER A 38 -19.23 -0.48 4.85
N PHE A 39 -18.45 0.53 4.48
CA PHE A 39 -18.98 1.86 4.28
C PHE A 39 -20.12 1.86 3.26
N SER A 40 -19.91 1.19 2.12
CA SER A 40 -20.93 1.11 1.08
C SER A 40 -22.25 0.55 1.61
N LYS A 41 -22.18 -0.56 2.31
CA LYS A 41 -23.35 -1.16 2.93
C LYS A 41 -23.97 -0.21 3.96
N PHE A 42 -23.10 0.56 4.63
CA PHE A 42 -23.54 1.55 5.60
C PHE A 42 -24.42 2.61 4.94
N LEU A 43 -23.89 3.22 3.87
CA LEU A 43 -24.60 4.24 3.12
C LEU A 43 -25.96 3.74 2.64
N LYS A 44 -26.04 2.47 2.26
CA LYS A 44 -27.26 1.93 1.67
C LYS A 44 -28.21 1.33 2.71
N HIS A 45 -27.94 1.58 3.99
CA HIS A 45 -28.80 1.08 5.06
C HIS A 45 -30.07 1.93 5.16
N ALA A 46 -31.15 1.33 5.63
CA ALA A 46 -32.45 2.00 5.74
C ALA A 46 -32.40 3.19 6.68
N LYS A 47 -31.80 3.00 7.86
CA LYS A 47 -31.58 4.08 8.81
C LYS A 47 -30.94 5.28 8.13
N VAL A 48 -29.92 5.03 7.32
CA VAL A 48 -29.16 6.08 6.65
C VAL A 48 -29.91 6.69 5.46
N ARG A 49 -30.74 5.89 4.79
CA ARG A 49 -31.53 6.39 3.68
C ARG A 49 -32.58 7.39 4.18
N ASP A 50 -33.31 6.98 5.22
CA ASP A 50 -34.32 7.83 5.83
C ASP A 50 -33.71 9.16 6.21
N TRP A 51 -32.62 9.09 6.96
CA TRP A 51 -31.92 10.28 7.41
C TRP A 51 -31.55 11.20 6.25
N CYS A 52 -31.06 10.62 5.17
CA CYS A 52 -30.67 11.37 3.98
C CYS A 52 -31.87 11.90 3.19
N ALA A 53 -33.02 11.24 3.33
CA ALA A 53 -34.21 11.59 2.57
C ALA A 53 -34.75 12.97 2.94
N GLN A 54 -34.31 13.47 4.10
CA GLN A 54 -34.73 14.78 4.57
C GLN A 54 -34.13 15.91 3.74
N ALA A 55 -34.80 17.06 3.77
CA ALA A 55 -34.44 18.20 2.92
C ALA A 55 -33.24 18.99 3.45
N LYS A 56 -32.96 18.87 4.76
CA LYS A 56 -31.89 19.62 5.38
C LYS A 56 -30.56 18.88 5.36
N ILE A 57 -30.61 17.58 5.61
CA ILE A 57 -29.40 16.76 5.72
C ILE A 57 -28.60 16.67 4.42
N GLN A 58 -27.42 17.28 4.42
CA GLN A 58 -26.51 17.20 3.29
C GLN A 58 -25.11 16.78 3.75
N PRO A 59 -24.86 15.47 3.78
CA PRO A 59 -23.68 14.82 4.38
C PRO A 59 -22.37 15.15 3.68
N SER A 60 -21.34 15.48 4.47
CA SER A 60 -20.00 15.72 3.93
C SER A 60 -18.98 14.67 4.39
N MET A 61 -17.78 14.77 3.85
CA MET A 61 -16.64 13.96 4.28
C MET A 61 -15.62 14.91 4.87
N PRO A 62 -14.89 14.48 5.91
CA PRO A 62 -14.83 13.12 6.48
C PRO A 62 -15.85 12.85 7.60
N ALA A 63 -16.77 13.77 7.84
CA ALA A 63 -17.72 13.57 8.93
C ALA A 63 -18.45 12.23 8.81
N LEU A 64 -18.98 11.96 7.62
CA LEU A 64 -19.72 10.73 7.37
C LEU A 64 -18.85 9.47 7.53
N ARG A 65 -17.56 9.58 7.22
CA ARG A 65 -16.64 8.48 7.42
C ARG A 65 -16.43 8.25 8.91
N MET A 66 -16.30 9.33 9.66
CA MET A 66 -16.15 9.25 11.11
C MET A 66 -17.37 8.62 11.76
N ALA A 67 -18.57 9.01 11.33
CA ALA A 67 -19.79 8.39 11.82
C ALA A 67 -19.74 6.89 11.56
N TYR A 68 -19.40 6.53 10.32
CA TYR A 68 -19.24 5.13 9.97
C TYR A 68 -18.27 4.41 10.91
N ASN A 69 -17.13 5.03 11.20
CA ASN A 69 -16.15 4.41 12.12
C ASN A 69 -16.75 4.10 13.49
N TYR A 70 -17.59 4.99 13.99
CA TYR A 70 -18.22 4.76 15.28
C TYR A 70 -19.06 3.49 15.29
N PHE A 71 -19.99 3.39 14.34
CA PHE A 71 -20.87 2.23 14.24
C PHE A 71 -20.10 0.92 13.98
N LEU A 72 -19.11 0.97 13.08
CA LEU A 72 -18.31 -0.20 12.76
C LEU A 72 -17.62 -0.76 14.01
N PHE A 73 -16.92 0.10 14.74
CA PHE A 73 -16.17 -0.37 15.90
C PHE A 73 -17.05 -0.60 17.11
N SER A 74 -18.30 -0.15 17.02
CA SER A 74 -19.29 -0.46 18.02
C SER A 74 -19.73 -1.91 17.80
N LYS A 75 -19.80 -2.29 16.52
CA LYS A 75 -20.23 -3.62 16.12
C LYS A 75 -19.13 -4.65 16.33
N VAL A 76 -17.89 -4.30 16.01
CA VAL A 76 -16.79 -5.26 16.03
C VAL A 76 -15.77 -4.99 17.12
N GLY A 77 -16.05 -4.02 17.98
CA GLY A 77 -15.15 -3.70 19.07
C GLY A 77 -14.77 -4.93 19.87
N GLU A 78 -15.78 -5.65 20.37
CA GLU A 78 -15.59 -6.80 21.23
C GLU A 78 -14.82 -7.93 20.55
N PHE A 79 -15.10 -8.14 19.27
CA PHE A 79 -14.49 -9.22 18.52
C PHE A 79 -12.98 -9.05 18.40
N ILE A 80 -12.53 -7.88 17.98
CA ILE A 80 -11.11 -7.64 17.77
C ILE A 80 -10.39 -7.32 19.08
N GLY A 81 -11.14 -7.25 20.16
CA GLY A 81 -10.57 -6.99 21.47
C GLY A 81 -10.04 -5.59 21.66
N SER A 82 -10.73 -4.61 21.10
CA SER A 82 -10.39 -3.21 21.31
C SER A 82 -11.63 -2.34 21.38
N GLU A 83 -11.91 -1.81 22.56
CA GLU A 83 -13.08 -0.96 22.76
C GLU A 83 -12.68 0.52 22.82
N ASP A 84 -11.42 0.81 22.54
CA ASP A 84 -10.88 2.16 22.67
C ASP A 84 -11.49 3.16 21.70
N VAL A 85 -11.77 2.72 20.48
CA VAL A 85 -12.31 3.61 19.45
C VAL A 85 -13.67 4.15 19.86
N CYS A 86 -14.57 3.25 20.24
CA CYS A 86 -15.89 3.66 20.70
C CYS A 86 -15.83 4.43 22.01
N ASN A 87 -14.91 4.03 22.89
CA ASN A 87 -14.74 4.73 24.16
C ASN A 87 -14.35 6.19 23.94
N PHE A 88 -13.61 6.46 22.89
CA PHE A 88 -13.20 7.82 22.59
C PHE A 88 -14.35 8.62 21.98
N PHE A 89 -15.14 7.95 21.13
CA PHE A 89 -16.29 8.60 20.50
C PHE A 89 -17.30 9.06 21.54
N VAL A 90 -17.61 8.21 22.52
CA VAL A 90 -18.56 8.55 23.56
C VAL A 90 -17.94 9.53 24.55
N ASP A 91 -16.69 9.28 24.92
CA ASP A 91 -16.00 10.12 25.89
C ASP A 91 -15.78 11.55 25.41
N ARG A 92 -15.21 11.70 24.21
CA ARG A 92 -14.74 12.99 23.74
C ARG A 92 -15.59 13.63 22.65
N VAL A 93 -16.46 12.85 22.02
CA VAL A 93 -17.19 13.38 20.87
C VAL A 93 -18.69 13.46 21.10
N PHE A 94 -19.19 12.58 21.95
CA PHE A 94 -20.63 12.42 22.12
C PHE A 94 -21.13 13.01 23.43
N GLY A 95 -20.24 13.70 24.14
CA GLY A 95 -20.57 14.29 25.43
C GLY A 95 -20.76 13.27 26.54
N GLY A 96 -20.46 12.01 26.26
CA GLY A 96 -20.61 10.96 27.25
C GLY A 96 -21.86 10.12 27.04
N VAL A 97 -22.58 10.40 25.96
CA VAL A 97 -23.77 9.64 25.61
C VAL A 97 -23.43 8.58 24.56
N ARG A 98 -23.98 7.38 24.73
CA ARG A 98 -23.83 6.35 23.70
C ARG A 98 -24.85 6.58 22.61
N LEU A 99 -24.54 7.48 21.68
CA LEU A 99 -25.45 7.79 20.58
C LEU A 99 -25.73 6.53 19.76
N LEU A 100 -26.98 6.37 19.35
CA LEU A 100 -27.38 5.17 18.64
C LEU A 100 -27.97 5.47 17.26
N ASP A 101 -28.46 6.69 17.08
CA ASP A 101 -29.06 7.08 15.80
C ASP A 101 -28.05 7.81 14.93
N VAL A 102 -28.14 7.57 13.62
CA VAL A 102 -27.19 8.16 12.67
C VAL A 102 -27.20 9.69 12.67
N ALA A 103 -28.39 10.29 12.72
CA ALA A 103 -28.50 11.74 12.65
C ALA A 103 -27.69 12.43 13.76
N SER A 104 -27.77 11.86 14.96
CA SER A 104 -27.10 12.42 16.12
C SER A 104 -25.60 12.12 16.12
N VAL A 105 -25.25 10.90 15.71
CA VAL A 105 -23.85 10.51 15.58
C VAL A 105 -23.13 11.38 14.54
N TYR A 106 -23.78 11.58 13.41
CA TYR A 106 -23.22 12.46 12.38
C TYR A 106 -23.01 13.89 12.90
N ALA A 107 -24.06 14.48 13.47
CA ALA A 107 -23.96 15.84 14.00
C ALA A 107 -22.75 15.98 14.92
N ALA A 108 -22.62 15.06 15.87
CA ALA A 108 -21.49 15.08 16.81
C ALA A 108 -20.16 14.89 16.07
N CYS A 109 -20.16 14.04 15.03
CA CYS A 109 -18.94 13.80 14.25
C CYS A 109 -18.52 15.03 13.46
N SER A 110 -19.49 15.79 12.97
CA SER A 110 -19.19 16.99 12.20
C SER A 110 -18.61 18.11 13.07
N GLN A 111 -18.66 17.92 14.39
CA GLN A 111 -18.11 18.89 15.32
C GLN A 111 -16.76 18.43 15.87
N MET A 112 -16.13 17.47 15.19
CA MET A 112 -14.80 17.04 15.58
C MET A 112 -13.77 18.00 14.98
N ASN A 113 -12.72 18.29 15.74
CA ASN A 113 -11.58 19.00 15.18
C ASN A 113 -10.61 18.01 14.52
N ALA A 114 -9.58 18.54 13.87
CA ALA A 114 -8.62 17.72 13.15
C ALA A 114 -7.83 16.81 14.09
N HIS A 115 -7.59 17.29 15.31
CA HIS A 115 -6.84 16.53 16.29
C HIS A 115 -7.61 15.29 16.74
N GLN A 116 -8.94 15.37 16.67
CA GLN A 116 -9.80 14.28 17.14
C GLN A 116 -9.99 13.21 16.07
N ARG A 117 -10.10 13.65 14.83
CA ARG A 117 -10.17 12.72 13.70
C ARG A 117 -8.85 11.96 13.59
N HIS A 118 -7.76 12.68 13.77
CA HIS A 118 -6.41 12.13 13.79
C HIS A 118 -6.32 11.03 14.84
N HIS A 119 -6.85 11.31 16.03
CA HIS A 119 -6.76 10.36 17.13
C HIS A 119 -7.56 9.08 16.87
N ILE A 120 -8.72 9.20 16.25
CA ILE A 120 -9.52 8.03 15.90
C ILE A 120 -8.75 7.17 14.91
N CYS A 121 -8.25 7.81 13.85
CA CYS A 121 -7.58 7.11 12.78
C CYS A 121 -6.35 6.35 13.27
N CYS A 122 -5.61 6.95 14.21
CA CYS A 122 -4.52 6.25 14.88
C CYS A 122 -5.02 5.02 15.64
N LEU A 123 -6.02 5.22 16.49
CA LEU A 123 -6.60 4.12 17.26
C LEU A 123 -7.06 2.99 16.34
N VAL A 124 -7.55 3.35 15.17
CA VAL A 124 -8.01 2.39 14.18
C VAL A 124 -6.84 1.65 13.53
N GLU A 125 -5.76 2.38 13.26
CA GLU A 125 -4.57 1.78 12.69
C GLU A 125 -3.99 0.74 13.66
N ARG A 126 -3.94 1.10 14.94
CA ARG A 126 -3.40 0.24 15.98
C ARG A 126 -4.29 -0.98 16.23
N ALA A 127 -5.58 -0.82 15.97
CA ALA A 127 -6.54 -1.89 16.19
C ALA A 127 -6.61 -2.84 15.00
N THR A 128 -5.92 -2.49 13.92
CA THR A 128 -5.95 -3.29 12.72
C THR A 128 -4.53 -3.65 12.27
N SER A 129 -3.57 -3.49 13.18
CA SER A 129 -2.16 -3.75 12.84
C SER A 129 -1.92 -5.23 12.58
N SER A 130 -2.99 -6.02 12.66
CA SER A 130 -2.93 -7.44 12.35
C SER A 130 -3.00 -7.65 10.83
N GLN A 131 -3.42 -6.60 10.12
CA GLN A 131 -3.51 -6.60 8.67
C GLN A 131 -4.45 -7.69 8.13
N SER A 132 -3.94 -8.52 7.23
CA SER A 132 -4.73 -9.59 6.63
C SER A 132 -5.30 -10.53 7.68
N LEU A 133 -4.55 -10.77 8.74
CA LEU A 133 -5.01 -11.64 9.82
C LEU A 133 -6.24 -11.02 10.50
N ASN A 134 -6.56 -9.79 10.10
CA ASN A 134 -7.71 -9.08 10.65
C ASN A 134 -8.90 -9.13 9.70
N PRO A 135 -10.06 -9.57 10.22
CA PRO A 135 -11.27 -9.76 9.42
C PRO A 135 -11.96 -8.44 9.08
N VAL A 136 -11.60 -7.38 9.80
CA VAL A 136 -12.21 -6.07 9.56
C VAL A 136 -11.59 -5.41 8.34
N TRP A 137 -10.43 -5.93 7.92
CA TRP A 137 -9.70 -5.37 6.79
C TRP A 137 -10.56 -5.21 5.55
N ASP A 138 -11.43 -6.19 5.30
CA ASP A 138 -12.30 -6.19 4.13
C ASP A 138 -13.45 -5.17 4.24
N ALA A 139 -13.95 -4.98 5.45
CA ALA A 139 -15.00 -3.99 5.69
C ALA A 139 -14.46 -2.58 5.54
N LEU A 140 -13.26 -2.36 6.08
CA LEU A 140 -12.64 -1.05 6.14
C LEU A 140 -12.23 -0.49 4.78
N ARG A 141 -11.65 -1.33 3.93
CA ARG A 141 -11.06 -0.84 2.68
C ARG A 141 -12.10 -0.54 1.61
N ASP A 142 -13.37 -0.80 1.94
CA ASP A 142 -14.47 -0.53 1.01
C ASP A 142 -14.90 0.94 1.02
N GLY A 143 -15.13 1.49 -0.17
CA GLY A 143 -15.56 2.86 -0.31
C GLY A 143 -14.38 3.82 -0.26
N ILE A 144 -13.19 3.26 -0.09
CA ILE A 144 -11.99 4.06 0.05
C ILE A 144 -11.04 3.89 -1.15
N ILE A 145 -10.31 4.95 -1.47
CA ILE A 145 -9.27 4.86 -2.48
C ILE A 145 -7.99 4.39 -1.81
N SER A 146 -7.72 3.09 -1.90
CA SER A 146 -6.51 2.49 -1.34
C SER A 146 -5.33 2.65 -2.31
N SER A 147 -4.12 2.39 -1.83
CA SER A 147 -2.92 2.56 -2.66
C SER A 147 -3.02 1.80 -3.98
N SER A 148 -3.71 0.67 -3.98
CA SER A 148 -3.81 -0.16 -5.17
C SER A 148 -4.91 0.30 -6.13
N LYS A 149 -5.73 1.24 -5.68
CA LYS A 149 -6.79 1.79 -6.53
C LYS A 149 -6.46 3.20 -6.98
N PHE A 150 -5.49 3.82 -6.31
CA PHE A 150 -5.12 5.20 -6.56
C PHE A 150 -4.82 5.49 -8.02
N HIS A 151 -3.82 4.81 -8.57
CA HIS A 151 -3.43 5.01 -9.96
C HIS A 151 -4.63 4.89 -10.90
N TRP A 152 -5.44 3.87 -10.67
CA TRP A 152 -6.65 3.65 -11.45
C TRP A 152 -7.62 4.80 -11.27
N ALA A 153 -7.72 5.30 -10.05
CA ALA A 153 -8.67 6.36 -9.72
C ALA A 153 -8.26 7.67 -10.37
N VAL A 154 -6.95 7.87 -10.49
CA VAL A 154 -6.43 9.09 -11.07
C VAL A 154 -6.74 9.16 -12.56
N LYS A 155 -6.70 8.01 -13.23
CA LYS A 155 -6.99 7.97 -14.65
C LYS A 155 -8.48 7.81 -14.92
N GLN A 156 -9.28 7.94 -13.86
CA GLN A 156 -10.73 7.89 -13.95
C GLN A 156 -11.21 6.57 -14.57
N GLN A 157 -10.28 5.65 -14.78
CA GLN A 157 -10.58 4.38 -15.45
C GLN A 157 -11.53 3.52 -14.61
N LYS A 162 -14.42 -1.09 -8.21
CA LYS A 162 -14.99 0.25 -8.37
C LYS A 162 -14.42 1.28 -7.37
N ILE A 163 -15.13 1.46 -6.26
CA ILE A 163 -14.62 2.17 -5.09
C ILE A 163 -15.50 1.62 -4.00
N PHE A 164 -16.78 1.53 -4.34
CA PHE A 164 -17.80 0.96 -3.48
C PHE A 164 -18.18 -0.41 -4.05
N SER A 165 -18.28 -1.40 -3.17
CA SER A 165 -18.58 -2.77 -3.58
C SER A 165 -19.79 -3.33 -2.83
N PRO A 166 -20.54 -4.24 -3.48
CA PRO A 166 -21.74 -4.84 -2.89
C PRO A 166 -21.39 -5.88 -1.83
N ALA A 180 -2.10 -16.00 0.87
CA ALA A 180 -1.61 -15.93 -0.50
C ALA A 180 -0.10 -16.19 -0.56
N PHE A 181 0.36 -16.79 -1.65
CA PHE A 181 1.77 -17.08 -1.84
C PHE A 181 2.59 -15.80 -1.90
N GLY A 182 2.08 -14.81 -2.64
CA GLY A 182 2.75 -13.53 -2.77
C GLY A 182 3.07 -12.92 -1.43
N LEU A 183 2.12 -13.01 -0.50
CA LEU A 183 2.30 -12.49 0.85
C LEU A 183 3.46 -13.18 1.57
N ARG A 184 3.73 -14.42 1.20
CA ARG A 184 4.85 -15.14 1.80
C ARG A 184 6.19 -14.61 1.30
N CYS A 185 6.18 -14.10 0.07
CA CYS A 185 7.40 -13.55 -0.52
C CYS A 185 7.70 -12.16 0.03
N GLU A 186 6.67 -11.35 0.19
CA GLU A 186 6.83 -10.04 0.82
C GLU A 186 7.48 -10.20 2.18
N GLU A 187 7.07 -11.22 2.92
CA GLU A 187 7.62 -11.45 4.23
C GLU A 187 9.13 -11.73 4.14
N VAL A 188 9.54 -12.37 3.06
CA VAL A 188 10.94 -12.67 2.81
C VAL A 188 11.73 -11.38 2.62
N VAL A 189 11.24 -10.54 1.70
CA VAL A 189 11.83 -9.22 1.48
C VAL A 189 11.87 -8.43 2.78
N LYS A 190 10.83 -8.58 3.61
CA LYS A 190 10.80 -7.88 4.88
C LYS A 190 11.89 -8.40 5.81
N THR A 191 12.02 -9.72 5.88
CA THR A 191 13.09 -10.33 6.65
C THR A 191 14.44 -9.79 6.21
N LEU A 192 14.62 -9.64 4.90
CA LEU A 192 15.86 -9.11 4.34
C LEU A 192 16.18 -7.73 4.89
N LEU A 193 15.21 -6.82 4.79
CA LEU A 193 15.38 -5.44 5.24
C LEU A 193 15.63 -5.36 6.74
N ALA A 194 14.94 -6.19 7.52
CA ALA A 194 15.04 -6.13 8.97
C ALA A 194 16.32 -6.79 9.49
N THR A 195 16.73 -7.86 8.83
CA THR A 195 17.88 -8.65 9.27
C THR A 195 19.20 -8.22 8.64
N LEU A 196 19.15 -7.80 7.38
CA LEU A 196 20.37 -7.54 6.61
C LEU A 196 20.69 -6.05 6.42
N LEU A 197 19.66 -5.23 6.17
CA LEU A 197 19.87 -3.79 6.00
C LEU A 197 19.86 -3.05 7.33
N HIS A 198 18.84 -3.29 8.16
CA HIS A 198 18.69 -2.53 9.39
C HIS A 198 18.61 -3.43 10.63
N PRO A 199 19.68 -4.17 10.92
CA PRO A 199 19.66 -5.06 12.09
C PRO A 199 19.96 -4.32 13.39
N ASP A 200 20.66 -3.20 13.29
CA ASP A 200 21.07 -2.46 14.49
C ASP A 200 20.14 -1.31 14.82
N GLU A 201 18.91 -1.37 14.31
CA GLU A 201 17.95 -0.29 14.50
C GLU A 201 16.59 -0.83 14.92
N THR A 202 15.81 0.02 15.59
CA THR A 202 14.44 -0.29 15.92
C THR A 202 13.59 -0.02 14.69
N ASN A 203 12.80 -1.01 14.29
CA ASN A 203 11.96 -0.88 13.12
C ASN A 203 10.53 -1.25 13.46
N CYS A 204 9.62 -1.02 12.51
CA CYS A 204 8.25 -1.45 12.67
C CYS A 204 7.87 -2.30 11.47
N LEU A 205 7.45 -3.53 11.75
CA LEU A 205 7.12 -4.50 10.71
C LEU A 205 5.61 -4.58 10.48
N ASP A 206 4.84 -4.02 11.39
CA ASP A 206 3.39 -4.14 11.37
C ASP A 206 2.65 -2.80 11.41
N TYR A 207 1.94 -2.49 10.34
CA TYR A 207 1.09 -1.31 10.28
C TYR A 207 -0.34 -1.68 9.95
N GLY A 208 -1.29 -1.00 10.59
CA GLY A 208 -2.70 -1.29 10.40
C GLY A 208 -3.25 -0.47 9.26
N PHE A 209 -4.56 -0.52 9.08
CA PHE A 209 -5.21 0.30 8.07
C PHE A 209 -5.24 1.78 8.50
N MET A 210 -4.72 2.65 7.64
CA MET A 210 -4.62 4.08 7.92
C MET A 210 -5.55 4.93 7.06
N GLN A 211 -6.66 5.35 7.64
CA GLN A 211 -7.57 6.26 6.98
C GLN A 211 -7.06 7.70 7.00
N SER A 212 -7.41 8.45 5.96
CA SER A 212 -7.15 9.88 5.95
C SER A 212 -8.01 10.55 7.00
N PRO A 213 -7.38 11.17 8.00
CA PRO A 213 -8.18 11.88 9.01
C PRO A 213 -8.79 13.16 8.44
N GLN A 214 -8.24 13.68 7.35
CA GLN A 214 -8.71 14.94 6.78
C GLN A 214 -9.88 14.83 5.81
N ASN A 215 -10.01 13.70 5.13
CA ASN A 215 -11.12 13.53 4.18
C ASN A 215 -11.84 12.19 4.25
N GLY A 216 -11.19 11.20 4.86
CA GLY A 216 -11.75 9.87 4.95
C GLY A 216 -12.07 9.21 3.62
N ILE A 217 -11.42 9.64 2.54
CA ILE A 217 -11.65 8.99 1.25
C ILE A 217 -10.41 8.26 0.71
N PHE A 218 -9.25 8.53 1.31
CA PHE A 218 -8.04 7.80 0.99
C PHE A 218 -7.63 6.95 2.16
N GLY A 219 -6.90 5.87 1.89
CA GLY A 219 -6.47 4.99 2.95
C GLY A 219 -5.39 4.05 2.49
N VAL A 220 -4.44 3.74 3.38
CA VAL A 220 -3.36 2.84 3.06
C VAL A 220 -2.90 2.05 4.28
N SER A 221 -1.94 1.16 4.03
CA SER A 221 -1.14 0.57 5.09
C SER A 221 0.30 0.52 4.60
N LEU A 222 1.24 0.64 5.52
CA LEU A 222 2.66 0.56 5.19
C LEU A 222 3.16 -0.85 5.42
N ASP A 223 4.22 -1.23 4.70
CA ASP A 223 4.79 -2.56 4.82
C ASP A 223 5.86 -2.62 5.90
N PHE A 224 6.79 -1.69 5.86
CA PHE A 224 7.95 -1.74 6.74
C PHE A 224 8.54 -0.35 6.94
N ALA A 225 9.04 -0.09 8.14
CA ALA A 225 9.74 1.16 8.40
C ALA A 225 10.98 0.94 9.27
N ALA A 226 12.10 1.55 8.87
CA ALA A 226 13.34 1.42 9.61
C ALA A 226 13.66 2.68 10.41
N ASN A 227 14.25 2.48 11.58
CA ASN A 227 14.72 3.58 12.42
C ASN A 227 13.60 4.52 12.87
N VAL A 228 12.65 3.98 13.63
CA VAL A 228 11.54 4.76 14.14
C VAL A 228 11.70 5.03 15.64
N LYS A 229 11.43 6.27 16.04
CA LYS A 229 11.55 6.69 17.43
C LYS A 229 10.56 5.98 18.36
N THR A 230 10.95 5.81 19.61
CA THR A 230 10.10 5.20 20.63
C THR A 230 9.87 6.16 21.80
N PHE A 238 3.80 9.34 14.55
CA PHE A 238 4.63 8.76 13.51
C PHE A 238 5.95 9.53 13.36
N ASP A 239 7.02 8.82 13.03
CA ASP A 239 8.35 9.42 12.94
C ASP A 239 8.62 10.04 11.57
N PRO A 240 8.92 11.35 11.55
CA PRO A 240 9.23 12.05 10.29
C PRO A 240 10.67 11.84 9.81
N ASN A 241 11.47 11.13 10.61
CA ASN A 241 12.87 10.93 10.30
C ASN A 241 13.22 9.49 9.97
N CYS A 242 12.19 8.68 9.76
CA CYS A 242 12.39 7.26 9.52
C CYS A 242 12.40 6.93 8.03
N LYS A 243 12.64 5.66 7.73
CA LYS A 243 12.69 5.20 6.34
C LYS A 243 11.61 4.18 6.07
N VAL A 244 10.72 4.53 5.14
CA VAL A 244 9.52 3.74 4.86
C VAL A 244 9.69 3.00 3.54
N TYR A 245 9.61 1.68 3.60
CA TYR A 245 9.79 0.84 2.41
C TYR A 245 8.47 0.29 1.91
N GLU A 246 8.24 0.41 0.60
CA GLU A 246 7.15 -0.33 -0.02
C GLU A 246 7.73 -1.62 -0.61
N ILE A 247 7.25 -2.76 -0.12
CA ILE A 247 7.80 -4.06 -0.50
C ILE A 247 7.09 -4.70 -1.70
N LYS A 248 7.84 -4.93 -2.78
CA LYS A 248 7.29 -5.59 -3.96
C LYS A 248 8.06 -6.89 -4.28
N CYS A 249 7.61 -7.61 -5.30
CA CYS A 249 8.22 -8.90 -5.68
C CYS A 249 8.24 -9.11 -7.19
N ARG A 250 9.40 -9.47 -7.73
CA ARG A 250 9.51 -9.87 -9.14
C ARG A 250 9.75 -11.38 -9.26
N PHE A 251 9.10 -12.01 -10.23
CA PHE A 251 9.21 -13.45 -10.43
C PHE A 251 9.65 -13.84 -11.85
N LYS A 252 9.59 -12.89 -12.79
CA LYS A 252 9.92 -13.12 -14.19
C LYS A 252 11.36 -13.52 -14.43
N TYR A 253 12.17 -13.49 -13.38
CA TYR A 253 13.60 -13.75 -13.50
C TYR A 253 13.96 -15.03 -12.78
N THR A 254 12.94 -15.87 -12.55
CA THR A 254 13.16 -17.22 -12.04
C THR A 254 13.90 -18.02 -13.11
N PHE A 255 14.81 -18.88 -12.68
CA PHE A 255 15.59 -19.69 -13.59
C PHE A 255 15.96 -21.02 -12.93
N ALA A 256 15.99 -22.07 -13.73
CA ALA A 256 16.53 -23.34 -13.28
C ALA A 256 18.04 -23.27 -13.43
N LYS A 257 18.78 -23.85 -12.48
CA LYS A 257 20.23 -23.90 -12.58
C LYS A 257 20.66 -24.87 -13.68
N MET A 258 20.47 -24.46 -14.93
CA MET A 258 20.85 -25.26 -16.09
C MET A 258 21.85 -24.49 -16.94
N GLU A 259 22.85 -25.19 -17.46
CA GLU A 259 23.90 -24.56 -18.26
C GLU A 259 23.33 -23.76 -19.43
N CYS A 260 22.40 -24.36 -20.16
CA CYS A 260 21.82 -23.75 -21.35
C CYS A 260 20.99 -22.48 -21.08
N ASP A 261 20.50 -22.32 -19.86
CA ASP A 261 19.57 -21.24 -19.52
C ASP A 261 20.22 -19.84 -19.55
N PRO A 262 19.79 -19.00 -20.50
CA PRO A 262 20.35 -17.65 -20.69
C PRO A 262 20.20 -16.79 -19.43
N ILE A 263 19.04 -16.87 -18.79
CA ILE A 263 18.83 -16.17 -17.52
C ILE A 263 19.85 -16.65 -16.49
N TYR A 264 19.97 -17.96 -16.31
CA TYR A 264 20.89 -18.52 -15.33
C TYR A 264 22.32 -18.09 -15.64
N ALA A 265 22.69 -18.15 -16.91
CA ALA A 265 24.02 -17.76 -17.35
C ALA A 265 24.30 -16.29 -17.02
N ALA A 266 23.38 -15.41 -17.40
CA ALA A 266 23.50 -13.99 -17.07
C ALA A 266 23.57 -13.79 -15.57
N TYR A 267 22.90 -14.67 -14.83
CA TYR A 267 22.92 -14.61 -13.37
C TYR A 267 24.29 -14.97 -12.82
N GLN A 268 24.90 -16.02 -13.36
CA GLN A 268 26.24 -16.42 -12.94
C GLN A 268 27.25 -15.28 -13.12
N ARG A 269 27.15 -14.57 -14.23
CA ARG A 269 28.05 -13.45 -14.49
C ARG A 269 27.83 -12.33 -13.48
N LEU A 270 26.56 -12.06 -13.20
CA LEU A 270 26.19 -11.06 -12.22
C LEU A 270 26.66 -11.49 -10.83
N TYR A 271 26.59 -12.78 -10.56
CA TYR A 271 26.95 -13.30 -9.25
C TYR A 271 28.46 -13.25 -9.00
N GLU A 272 29.24 -13.43 -10.06
CA GLU A 272 30.69 -13.43 -9.93
C GLU A 272 31.30 -12.05 -10.18
N ALA A 273 30.60 -11.21 -10.92
CA ALA A 273 31.09 -9.87 -11.23
C ALA A 273 30.02 -8.79 -11.03
N PRO A 274 29.58 -8.60 -9.78
CA PRO A 274 28.49 -7.69 -9.42
C PRO A 274 28.72 -6.27 -9.91
N GLY A 275 27.85 -5.78 -10.78
CA GLY A 275 28.01 -4.44 -11.34
C GLY A 275 26.97 -4.10 -12.38
N LYS A 276 26.95 -2.83 -12.77
CA LYS A 276 25.97 -2.33 -13.71
C LYS A 276 25.93 -3.12 -15.01
N LEU A 277 27.10 -3.40 -15.57
CA LEU A 277 27.20 -4.08 -16.86
C LEU A 277 26.61 -5.49 -16.83
N ALA A 278 26.92 -6.24 -15.78
CA ALA A 278 26.40 -7.59 -15.63
C ALA A 278 24.94 -7.56 -15.19
N LEU A 279 24.55 -6.47 -14.53
CA LEU A 279 23.16 -6.29 -14.13
C LEU A 279 22.29 -6.08 -15.36
N LYS A 280 22.80 -5.27 -16.29
CA LYS A 280 22.12 -5.01 -17.56
C LYS A 280 21.84 -6.30 -18.31
N ASP A 281 22.90 -7.08 -18.55
CA ASP A 281 22.77 -8.35 -19.25
C ASP A 281 21.70 -9.22 -18.59
N PHE A 282 21.74 -9.30 -17.27
CA PHE A 282 20.75 -10.05 -16.51
C PHE A 282 19.33 -9.55 -16.79
N PHE A 283 19.12 -8.25 -16.64
CA PHE A 283 17.80 -7.66 -16.85
C PHE A 283 17.23 -7.93 -18.24
N TYR A 284 18.11 -7.99 -19.24
CA TYR A 284 17.69 -8.13 -20.62
C TYR A 284 17.69 -9.59 -21.11
N SER A 285 17.90 -10.52 -20.18
CA SER A 285 17.90 -11.93 -20.50
C SER A 285 16.50 -12.47 -20.71
N ILE A 286 15.49 -11.61 -20.49
CA ILE A 286 14.11 -12.00 -20.71
C ILE A 286 13.46 -11.05 -21.71
N SER A 287 12.37 -11.50 -22.33
CA SER A 287 11.68 -10.69 -23.34
C SER A 287 11.11 -9.40 -22.77
N LYS A 288 10.59 -9.47 -21.54
CA LYS A 288 9.91 -8.32 -20.92
C LYS A 288 10.58 -7.89 -19.61
N PRO A 289 11.66 -7.11 -19.72
CA PRO A 289 12.52 -6.72 -18.59
C PRO A 289 11.86 -5.77 -17.60
N ALA A 290 12.41 -5.73 -16.39
CA ALA A 290 11.94 -4.88 -15.32
C ALA A 290 12.47 -3.46 -15.48
N VAL A 291 13.41 -3.29 -16.42
CA VAL A 291 14.06 -2.00 -16.66
C VAL A 291 13.86 -1.57 -18.11
N GLU A 292 13.50 -0.30 -18.30
CA GLU A 292 13.30 0.24 -19.64
C GLU A 292 14.18 1.46 -19.85
N TYR A 293 14.80 1.53 -21.02
CA TYR A 293 15.62 2.68 -21.37
C TYR A 293 14.75 3.80 -21.92
N VAL A 294 14.81 4.97 -21.28
CA VAL A 294 14.03 6.12 -21.69
C VAL A 294 14.96 7.24 -22.14
N GLY A 295 15.01 7.47 -23.45
CA GLY A 295 15.88 8.48 -24.02
C GLY A 295 15.40 9.91 -23.78
N LEU A 296 16.05 10.87 -24.42
CA LEU A 296 15.70 12.28 -24.25
C LEU A 296 14.40 12.64 -24.94
N GLY A 297 13.51 13.29 -24.19
CA GLY A 297 12.24 13.73 -24.73
C GLY A 297 11.35 12.55 -25.04
N LYS A 298 11.66 11.41 -24.44
CA LYS A 298 10.87 10.21 -24.65
C LYS A 298 9.95 9.91 -23.46
N LEU A 299 8.78 9.37 -23.78
CA LEU A 299 7.77 9.06 -22.79
C LEU A 299 7.93 7.64 -22.26
N PRO A 300 8.19 7.51 -20.95
CA PRO A 300 8.31 6.18 -20.35
C PRO A 300 6.98 5.43 -20.46
N SER A 301 7.05 4.15 -20.80
CA SER A 301 5.86 3.31 -20.85
C SER A 301 5.49 2.87 -19.43
N GLU A 302 4.48 2.02 -19.32
CA GLU A 302 4.08 1.51 -18.01
C GLU A 302 4.46 0.04 -17.82
N SER A 303 5.26 -0.49 -18.72
CA SER A 303 5.59 -1.92 -18.72
C SER A 303 6.14 -2.41 -17.38
N ASP A 304 7.07 -1.66 -16.80
CA ASP A 304 7.59 -2.01 -15.48
C ASP A 304 8.04 -0.81 -14.66
N TYR A 305 8.50 -1.06 -13.44
CA TYR A 305 8.69 0.00 -12.45
C TYR A 305 10.08 0.64 -12.41
N LEU A 306 10.99 0.20 -13.27
CA LEU A 306 12.33 0.79 -13.30
C LEU A 306 12.70 1.37 -14.66
N VAL A 307 13.24 2.59 -14.65
CA VAL A 307 13.74 3.21 -15.88
C VAL A 307 15.23 3.56 -15.79
N ALA A 308 15.85 3.70 -16.96
CA ALA A 308 17.21 4.19 -17.06
C ALA A 308 17.26 5.31 -18.08
N TYR A 309 17.96 6.39 -17.75
CA TYR A 309 18.03 7.55 -18.64
C TYR A 309 19.38 7.62 -19.36
N ASP A 310 20.36 6.89 -18.85
CA ASP A 310 21.70 6.91 -19.42
C ASP A 310 21.78 5.90 -20.57
N GLN A 311 22.28 6.34 -21.71
CA GLN A 311 22.30 5.52 -22.91
C GLN A 311 23.06 4.20 -22.72
N GLU A 312 23.90 4.13 -21.70
CA GLU A 312 24.61 2.90 -21.37
C GLU A 312 23.64 1.77 -21.05
N TRP A 313 22.38 2.12 -20.83
CA TRP A 313 21.38 1.12 -20.51
C TRP A 313 20.54 0.74 -21.72
N GLU A 314 20.78 1.43 -22.84
CA GLU A 314 20.13 1.06 -24.10
C GLU A 314 20.72 -0.23 -24.68
N ALA A 315 19.86 -1.07 -25.24
CA ALA A 315 20.29 -2.33 -25.82
C ALA A 315 20.17 -2.29 -27.34
N CYS A 316 18.93 -2.33 -27.84
CA CYS A 316 18.71 -2.20 -29.27
C CYS A 316 17.75 -1.06 -29.55
N PRO A 317 18.13 -0.16 -30.47
CA PRO A 317 17.32 1.02 -30.80
C PRO A 317 15.87 0.64 -31.08
N ARG A 318 14.94 1.29 -30.38
CA ARG A 318 13.52 1.01 -30.56
C ARG A 318 12.70 2.29 -30.51
N LYS A 319 11.68 2.36 -31.34
CA LYS A 319 10.80 3.53 -31.39
C LYS A 319 10.14 3.76 -30.04
N LYS A 320 9.95 5.01 -29.68
CA LYS A 320 9.34 5.34 -28.39
C LYS A 320 8.59 6.66 -28.46
N ARG A 321 7.34 6.65 -28.02
CA ARG A 321 6.52 7.86 -28.02
C ARG A 321 7.27 9.02 -27.39
N LYS A 322 7.01 10.22 -27.89
CA LYS A 322 7.70 11.41 -27.41
C LYS A 322 6.97 12.04 -26.24
N LEU A 323 7.73 12.80 -25.45
CA LEU A 323 7.17 13.59 -24.37
C LEU A 323 6.60 14.90 -24.93
N THR A 324 5.28 14.95 -25.10
CA THR A 324 4.62 16.16 -25.61
C THR A 324 4.33 17.15 -24.49
N PRO A 325 4.11 18.43 -24.83
CA PRO A 325 3.79 19.47 -23.85
C PRO A 325 2.63 19.09 -22.93
N LEU A 326 1.88 18.05 -23.30
CA LEU A 326 0.76 17.59 -22.48
C LEU A 326 1.21 16.64 -21.37
N HIS A 327 2.51 16.66 -21.06
CA HIS A 327 3.06 15.75 -20.06
C HIS A 327 3.91 16.48 -19.01
N ASN A 328 3.49 17.67 -18.62
CA ASN A 328 4.20 18.40 -17.57
C ASN A 328 4.21 17.66 -16.24
N LEU A 329 3.13 16.93 -15.96
CA LEU A 329 3.09 16.08 -14.78
C LEU A 329 4.24 15.07 -14.80
N ILE A 330 4.29 14.25 -15.84
CA ILE A 330 5.35 13.26 -16.01
C ILE A 330 6.73 13.91 -15.90
N ARG A 331 6.91 15.02 -16.61
CA ARG A 331 8.19 15.70 -16.69
C ARG A 331 8.62 16.25 -15.34
N GLU A 332 7.67 16.74 -14.57
CA GLU A 332 7.95 17.26 -13.24
C GLU A 332 8.37 16.12 -12.31
N CYS A 333 7.68 14.99 -12.42
CA CYS A 333 8.00 13.83 -11.59
C CYS A 333 9.33 13.18 -11.95
N ILE A 334 9.63 13.09 -13.24
CA ILE A 334 10.91 12.57 -13.70
C ILE A 334 12.05 13.48 -13.23
N LEU A 335 11.77 14.77 -13.27
CA LEU A 335 12.73 15.80 -12.88
C LEU A 335 13.27 15.52 -11.49
N HIS A 336 12.38 15.09 -10.58
CA HIS A 336 12.74 14.84 -9.19
C HIS A 336 13.03 13.38 -8.87
N ASN A 337 13.06 12.54 -9.90
CA ASN A 337 13.37 11.13 -9.72
C ASN A 337 14.41 10.62 -10.71
N SER A 338 15.50 11.36 -10.85
CA SER A 338 16.57 10.99 -11.76
C SER A 338 17.94 11.43 -11.26
N THR A 339 18.13 11.40 -9.95
CA THR A 339 19.40 11.80 -9.36
C THR A 339 19.93 10.80 -8.34
N THR A 340 19.12 10.48 -7.34
CA THR A 340 19.50 9.48 -6.35
C THR A 340 19.37 8.07 -6.92
N GLU A 341 20.47 7.33 -6.94
CA GLU A 341 20.49 6.00 -7.55
C GLU A 341 19.99 4.90 -6.62
N SER A 342 19.57 3.78 -7.21
CA SER A 342 19.14 2.61 -6.45
C SER A 342 20.32 1.93 -5.80
N ASP A 343 20.04 1.05 -4.84
CA ASP A 343 21.04 0.15 -4.29
C ASP A 343 20.70 -1.27 -4.68
N VAL A 344 21.64 -1.93 -5.35
CA VAL A 344 21.44 -3.31 -5.80
C VAL A 344 22.16 -4.29 -4.86
N TYR A 345 21.41 -5.23 -4.32
CA TYR A 345 22.00 -6.25 -3.44
C TYR A 345 21.94 -7.63 -4.08
N VAL A 346 23.10 -8.16 -4.43
CA VAL A 346 23.22 -9.53 -4.88
C VAL A 346 23.28 -10.42 -3.65
N LEU A 347 22.33 -11.34 -3.53
CA LEU A 347 22.28 -12.22 -2.37
C LEU A 347 23.08 -13.50 -2.62
N THR A 348 23.70 -14.02 -1.57
CA THR A 348 24.41 -15.30 -1.67
C THR A 348 23.42 -16.42 -1.97
N ASP A 349 23.79 -17.27 -2.93
CA ASP A 349 23.08 -18.50 -3.20
C ASP A 349 23.27 -19.45 -2.03
N PRO A 350 22.16 -19.91 -1.43
CA PRO A 350 22.18 -20.75 -0.23
C PRO A 350 22.74 -22.15 -0.51
N GLN A 351 22.77 -22.52 -1.79
CA GLN A 351 23.35 -23.79 -2.20
C GLN A 351 24.88 -23.75 -2.04
N ASP A 352 25.47 -22.59 -2.29
CA ASP A 352 26.92 -22.43 -2.17
C ASP A 352 27.36 -22.06 -0.75
N THR A 353 26.42 -21.63 0.08
CA THR A 353 26.75 -21.16 1.42
C THR A 353 26.19 -22.07 2.52
N ARG A 354 25.68 -23.23 2.12
CA ARG A 354 25.15 -24.20 3.08
C ARG A 354 23.88 -23.71 3.77
N GLY A 355 23.12 -22.89 3.07
CA GLY A 355 21.84 -22.42 3.59
C GLY A 355 21.75 -20.94 3.85
N GLN A 356 22.82 -20.36 4.40
CA GLN A 356 22.81 -18.96 4.79
C GLN A 356 22.64 -18.01 3.61
N ILE A 357 21.65 -17.12 3.70
CA ILE A 357 21.44 -16.11 2.67
C ILE A 357 21.80 -14.73 3.20
N SER A 358 22.81 -14.11 2.58
CA SER A 358 23.29 -12.82 3.03
C SER A 358 23.66 -11.96 1.83
N ILE A 359 24.16 -10.75 2.09
CA ILE A 359 24.61 -9.87 1.02
C ILE A 359 25.97 -10.32 0.51
N LYS A 360 26.02 -10.74 -0.75
CA LYS A 360 27.29 -11.09 -1.37
C LYS A 360 27.99 -9.82 -1.85
N ALA A 361 27.22 -8.95 -2.49
CA ALA A 361 27.74 -7.67 -2.97
C ALA A 361 26.65 -6.62 -3.02
N ARG A 362 27.06 -5.37 -2.81
CA ARG A 362 26.14 -4.24 -2.85
C ARG A 362 26.74 -3.14 -3.71
N PHE A 363 26.01 -2.71 -4.72
CA PHE A 363 26.48 -1.61 -5.56
C PHE A 363 25.34 -0.70 -5.97
N LYS A 364 25.67 0.54 -6.30
CA LYS A 364 24.68 1.49 -6.74
C LYS A 364 24.45 1.35 -8.25
N ALA A 365 23.28 1.80 -8.71
CA ALA A 365 22.97 1.77 -10.12
C ALA A 365 22.07 2.95 -10.49
N ASN A 366 22.38 3.60 -11.61
CA ASN A 366 21.53 4.65 -12.14
C ASN A 366 20.25 4.08 -12.75
N LEU A 367 19.45 3.46 -11.89
CA LEU A 367 18.11 3.02 -12.26
C LEU A 367 17.13 3.74 -11.34
N PHE A 368 16.03 4.21 -11.89
CA PHE A 368 15.10 5.03 -11.12
C PHE A 368 13.67 4.49 -11.21
N VAL A 369 12.84 4.89 -10.24
CA VAL A 369 11.43 4.55 -10.26
C VAL A 369 10.74 5.14 -11.49
N ASN A 370 9.96 4.32 -12.18
CA ASN A 370 9.16 4.77 -13.31
C ASN A 370 7.95 5.56 -12.76
N VAL A 371 7.95 6.87 -12.99
CA VAL A 371 6.91 7.71 -12.43
C VAL A 371 5.52 7.42 -13.03
N ARG A 372 5.49 6.74 -14.18
CA ARG A 372 4.22 6.38 -14.79
C ARG A 372 3.76 4.99 -14.40
N HIS A 373 4.57 4.28 -13.62
CA HIS A 373 4.21 2.95 -13.17
C HIS A 373 3.42 3.01 -11.86
N SER A 374 2.53 2.03 -11.67
CA SER A 374 1.65 2.01 -10.51
C SER A 374 2.37 2.15 -9.18
N TYR A 375 3.58 1.61 -9.11
CA TYR A 375 4.35 1.64 -7.87
C TYR A 375 4.61 3.06 -7.38
N PHE A 376 4.84 3.96 -8.33
CA PHE A 376 5.05 5.37 -7.99
C PHE A 376 3.82 5.95 -7.28
N TYR A 377 2.64 5.69 -7.82
CA TYR A 377 1.39 6.19 -7.25
C TYR A 377 1.11 5.64 -5.86
N GLN A 378 1.31 4.34 -5.69
CA GLN A 378 1.06 3.71 -4.41
C GLN A 378 1.88 4.33 -3.29
N VAL A 379 3.15 4.57 -3.55
CA VAL A 379 4.03 5.16 -2.54
C VAL A 379 3.74 6.65 -2.39
N LEU A 380 3.21 7.25 -3.45
CA LEU A 380 2.77 8.63 -3.41
C LEU A 380 1.65 8.79 -2.37
N LEU A 381 0.61 7.96 -2.51
CA LEU A 381 -0.53 8.00 -1.59
C LEU A 381 -0.06 7.81 -0.16
N GLN A 382 0.78 6.79 0.04
CA GLN A 382 1.30 6.44 1.36
C GLN A 382 2.08 7.61 1.99
N SER A 383 2.86 8.31 1.18
CA SER A 383 3.63 9.44 1.70
C SER A 383 2.70 10.59 2.10
N SER A 384 1.65 10.78 1.32
CA SER A 384 0.65 11.80 1.61
C SER A 384 -0.07 11.51 2.92
N ILE A 385 -0.42 10.25 3.14
CA ILE A 385 -1.17 9.88 4.33
C ILE A 385 -0.29 9.90 5.57
N VAL A 386 0.97 9.53 5.40
CA VAL A 386 1.93 9.58 6.49
C VAL A 386 2.12 11.03 6.95
N GLU A 387 2.01 11.96 6.01
CA GLU A 387 2.08 13.38 6.32
C GLU A 387 0.99 13.79 7.31
N GLU A 388 -0.25 13.38 7.04
CA GLU A 388 -1.37 13.72 7.89
C GLU A 388 -1.19 13.15 9.30
N TYR A 389 -0.60 11.97 9.38
CA TYR A 389 -0.40 11.32 10.66
C TYR A 389 0.79 11.91 11.42
N ILE A 390 1.46 12.87 10.78
CA ILE A 390 2.61 13.53 11.38
C ILE A 390 2.32 14.98 11.71
N GLY A 391 1.55 15.64 10.85
CA GLY A 391 1.20 17.03 11.04
C GLY A 391 0.00 17.20 11.96
N SER A 401 10.46 15.42 6.65
CA SER A 401 9.82 14.34 5.90
C SER A 401 10.60 13.03 5.99
N PRO A 402 9.88 11.91 6.07
CA PRO A 402 10.53 10.59 6.10
C PRO A 402 11.06 10.25 4.71
N LYS A 403 11.94 9.25 4.63
CA LYS A 403 12.48 8.81 3.35
C LYS A 403 11.69 7.61 2.83
N TYR A 404 11.37 7.63 1.54
CA TYR A 404 10.60 6.53 0.95
C TYR A 404 11.40 5.73 -0.09
N TYR A 405 11.32 4.40 0.00
CA TYR A 405 11.98 3.52 -0.96
C TYR A 405 11.07 2.38 -1.39
N ILE A 406 11.24 1.93 -2.63
CA ILE A 406 10.65 0.67 -3.08
C ILE A 406 11.68 -0.44 -2.91
N ALA A 407 11.35 -1.43 -2.09
CA ALA A 407 12.22 -2.59 -1.91
C ALA A 407 11.62 -3.77 -2.67
N THR A 408 12.33 -4.21 -3.72
CA THR A 408 11.84 -5.31 -4.53
C THR A 408 12.76 -6.52 -4.48
N GLY A 409 12.18 -7.68 -4.15
CA GLY A 409 12.93 -8.92 -4.15
C GLY A 409 12.71 -9.65 -5.45
N PHE A 410 13.80 -10.17 -6.02
CA PHE A 410 13.72 -11.05 -7.18
C PHE A 410 13.87 -12.50 -6.75
N PHE A 411 12.89 -13.32 -7.11
CA PHE A 411 12.82 -14.71 -6.63
C PHE A 411 13.02 -15.73 -7.76
N ARG A 412 13.45 -16.93 -7.39
CA ARG A 412 13.50 -18.07 -8.31
C ARG A 412 12.93 -19.31 -7.62
N LYS A 413 12.37 -20.22 -8.40
CA LYS A 413 11.85 -21.46 -7.84
C LYS A 413 12.99 -22.30 -7.29
N ARG A 414 12.75 -22.97 -6.17
CA ARG A 414 13.75 -23.87 -5.58
C ARG A 414 14.10 -25.02 -6.53
N GLY A 415 15.38 -25.38 -6.53
CA GLY A 415 15.85 -26.52 -7.30
C GLY A 415 16.08 -27.72 -6.41
N TYR A 416 16.32 -28.88 -7.04
CA TYR A 416 16.52 -30.12 -6.30
C TYR A 416 17.69 -30.06 -5.32
N GLN A 417 18.69 -29.25 -5.62
CA GLN A 417 19.87 -29.17 -4.77
C GLN A 417 19.86 -27.96 -3.81
N ASP A 418 18.80 -27.18 -3.80
CA ASP A 418 18.68 -26.07 -2.85
C ASP A 418 18.37 -26.59 -1.46
N PRO A 419 19.11 -26.10 -0.44
CA PRO A 419 18.86 -26.56 0.93
C PRO A 419 17.41 -26.30 1.31
N VAL A 420 16.78 -27.25 1.99
CA VAL A 420 15.38 -27.11 2.38
C VAL A 420 15.20 -26.06 3.48
N ASN A 421 16.14 -26.05 4.41
CA ASN A 421 16.08 -25.15 5.55
C ASN A 421 17.10 -24.03 5.47
N CYS A 422 16.72 -22.96 4.77
CA CYS A 422 17.59 -21.80 4.60
C CYS A 422 17.45 -20.85 5.78
N THR A 423 18.46 -19.99 5.95
CA THR A 423 18.43 -19.00 7.02
C THR A 423 18.79 -17.62 6.51
N ILE A 424 18.10 -16.60 7.04
CA ILE A 424 18.44 -15.22 6.73
C ILE A 424 18.82 -14.50 8.01
N GLY A 425 20.12 -14.27 8.20
CA GLY A 425 20.63 -13.78 9.47
C GLY A 425 20.20 -14.72 10.58
N GLY A 426 19.56 -14.15 11.60
CA GLY A 426 19.01 -14.96 12.67
C GLY A 426 17.82 -15.76 12.20
N ASP A 427 16.88 -15.07 11.54
CA ASP A 427 15.63 -15.68 11.10
C ASP A 427 15.83 -16.94 10.29
N ALA A 428 14.73 -17.65 10.04
CA ALA A 428 14.74 -18.80 9.16
C ALA A 428 13.94 -18.47 7.91
N LEU A 429 14.03 -19.32 6.90
CA LEU A 429 13.26 -19.14 5.68
C LEU A 429 12.25 -20.26 5.56
N ASP A 430 11.02 -19.92 5.15
CA ASP A 430 10.00 -20.92 4.94
C ASP A 430 10.43 -21.85 3.80
N PRO A 431 10.50 -23.16 4.08
CA PRO A 431 10.97 -24.11 3.07
C PRO A 431 10.05 -24.15 1.87
N HIS A 432 8.88 -23.54 1.98
CA HIS A 432 7.89 -23.58 0.92
C HIS A 432 7.87 -22.31 0.07
N VAL A 433 8.60 -21.28 0.51
CA VAL A 433 8.66 -20.04 -0.27
C VAL A 433 9.85 -20.05 -1.23
N GLU A 434 9.71 -19.31 -2.34
CA GLU A 434 10.76 -19.24 -3.33
C GLU A 434 12.04 -18.63 -2.77
N ILE A 435 13.11 -18.69 -3.56
CA ILE A 435 14.42 -18.22 -3.11
C ILE A 435 14.73 -16.85 -3.69
N PRO A 436 15.11 -15.91 -2.82
CA PRO A 436 15.48 -14.56 -3.24
C PRO A 436 16.90 -14.52 -3.77
N THR A 437 17.06 -13.95 -4.96
CA THR A 437 18.37 -13.85 -5.60
C THR A 437 18.89 -12.42 -5.59
N LEU A 438 17.97 -11.46 -5.75
CA LEU A 438 18.32 -10.05 -5.81
C LEU A 438 17.42 -9.21 -4.90
N LEU A 439 17.97 -8.11 -4.39
CA LEU A 439 17.19 -7.13 -3.64
C LEU A 439 17.56 -5.73 -4.10
N ILE A 440 16.63 -5.05 -4.75
CA ILE A 440 16.87 -3.70 -5.24
C ILE A 440 16.07 -2.64 -4.47
N VAL A 441 16.78 -1.74 -3.80
CA VAL A 441 16.15 -0.64 -3.08
C VAL A 441 16.23 0.65 -3.91
N THR A 442 15.07 1.21 -4.23
CA THR A 442 14.98 2.40 -5.07
C THR A 442 14.26 3.57 -4.38
N PRO A 443 14.96 4.71 -4.23
CA PRO A 443 14.33 5.88 -3.60
C PRO A 443 13.19 6.44 -4.45
N VAL A 444 12.24 7.10 -3.81
CA VAL A 444 11.12 7.76 -4.50
C VAL A 444 10.88 9.17 -3.95
N TYR A 445 10.76 10.14 -4.84
CA TYR A 445 10.52 11.54 -4.44
C TYR A 445 9.25 12.10 -5.07
N PHE A 446 8.58 12.98 -4.34
CA PHE A 446 7.26 13.46 -4.76
C PHE A 446 7.15 14.99 -4.79
N PRO A 447 7.17 15.57 -5.99
CA PRO A 447 6.98 17.01 -6.14
C PRO A 447 5.63 17.45 -5.58
N ARG A 448 5.62 18.45 -4.70
CA ARG A 448 4.40 18.85 -4.03
C ARG A 448 3.29 19.16 -5.04
N GLY A 449 3.67 19.85 -6.12
CA GLY A 449 2.72 20.27 -7.14
C GLY A 449 2.07 19.12 -7.88
N ALA A 450 2.84 18.06 -8.14
CA ALA A 450 2.29 16.88 -8.78
C ALA A 450 1.46 16.08 -7.79
N LYS A 451 2.00 15.90 -6.59
CA LYS A 451 1.31 15.22 -5.51
C LYS A 451 -0.11 15.77 -5.32
N HIS A 452 -0.25 17.09 -5.40
CA HIS A 452 -1.55 17.74 -5.20
C HIS A 452 -2.56 17.47 -6.32
N ARG A 453 -2.15 17.73 -7.55
CA ARG A 453 -3.01 17.51 -8.71
C ARG A 453 -3.52 16.06 -8.77
N LEU A 454 -2.63 15.11 -8.50
CA LEU A 454 -3.02 13.71 -8.50
C LEU A 454 -4.01 13.40 -7.38
N LEU A 455 -3.70 13.86 -6.18
CA LEU A 455 -4.61 13.69 -5.05
C LEU A 455 -5.99 14.23 -5.39
N HIS A 456 -6.03 15.45 -5.95
CA HIS A 456 -7.30 16.10 -6.27
C HIS A 456 -8.05 15.45 -7.43
N GLN A 457 -7.31 14.92 -8.41
CA GLN A 457 -7.94 14.20 -9.50
C GLN A 457 -8.67 12.96 -9.00
N ALA A 458 -7.97 12.17 -8.19
CA ALA A 458 -8.57 10.98 -7.59
C ALA A 458 -9.76 11.35 -6.68
N ALA A 459 -9.61 12.44 -5.93
CA ALA A 459 -10.68 12.88 -5.03
C ALA A 459 -11.93 13.28 -5.81
N ASN A 460 -11.75 13.83 -7.01
CA ASN A 460 -12.88 14.16 -7.88
C ASN A 460 -13.56 12.91 -8.43
N PHE A 461 -12.76 11.92 -8.83
CA PHE A 461 -13.33 10.67 -9.32
C PHE A 461 -14.13 10.02 -8.22
N TRP A 462 -13.60 10.07 -7.00
CA TRP A 462 -14.31 9.55 -5.84
C TRP A 462 -15.66 10.26 -5.69
N SER A 463 -15.64 11.58 -5.74
CA SER A 463 -16.86 12.38 -5.59
C SER A 463 -17.90 12.01 -6.65
N ARG A 464 -17.50 12.03 -7.91
CA ARG A 464 -18.39 11.66 -9.00
C ARG A 464 -18.97 10.27 -8.79
N SER A 465 -18.15 9.37 -8.27
CA SER A 465 -18.57 7.99 -8.01
C SER A 465 -19.55 7.94 -6.84
N ALA A 466 -19.23 8.69 -5.79
CA ALA A 466 -20.11 8.82 -4.63
C ALA A 466 -21.48 9.32 -5.05
N LYS A 467 -21.51 10.37 -5.87
CA LYS A 467 -22.76 10.96 -6.34
C LYS A 467 -23.53 9.98 -7.23
N ASP A 468 -22.82 9.31 -8.13
CA ASP A 468 -23.46 8.36 -9.05
C ASP A 468 -23.95 7.11 -8.34
N THR A 469 -23.15 6.60 -7.40
CA THR A 469 -23.49 5.38 -6.68
C THR A 469 -24.57 5.60 -5.63
N PHE A 470 -24.56 6.77 -4.98
CA PHE A 470 -25.53 7.07 -3.94
C PHE A 470 -26.22 8.41 -4.19
N PRO A 471 -27.15 8.44 -5.17
CA PRO A 471 -27.84 9.68 -5.56
C PRO A 471 -28.78 10.20 -4.46
N TYR A 472 -29.41 9.30 -3.71
CA TYR A 472 -30.31 9.69 -2.64
C TYR A 472 -29.60 10.47 -1.55
N ILE A 473 -28.27 10.54 -1.66
CA ILE A 473 -27.48 11.31 -0.72
C ILE A 473 -27.12 12.67 -1.33
N LYS A 474 -27.53 13.74 -0.66
CA LYS A 474 -27.24 15.09 -1.15
C LYS A 474 -25.86 15.51 -0.66
N TRP A 475 -24.84 14.87 -1.23
CA TRP A 475 -23.47 15.10 -0.81
C TRP A 475 -23.10 16.58 -0.75
N ASP A 476 -22.26 16.93 0.21
CA ASP A 476 -21.74 18.28 0.33
C ASP A 476 -20.22 18.28 0.22
N PHE A 477 -19.71 18.47 -0.99
CA PHE A 477 -18.28 18.37 -1.23
C PHE A 477 -17.58 19.72 -1.24
N SER A 478 -18.29 20.74 -0.79
CA SER A 478 -17.74 22.09 -0.75
C SER A 478 -16.40 22.11 -0.03
N TYR A 479 -16.38 21.56 1.18
CA TYR A 479 -15.16 21.53 1.98
C TYR A 479 -14.14 20.51 1.44
N LEU A 480 -14.63 19.52 0.69
CA LEU A 480 -13.75 18.49 0.16
C LEU A 480 -12.84 19.03 -0.93
N SER A 481 -13.42 19.73 -1.90
CA SER A 481 -12.66 20.30 -3.01
C SER A 481 -11.53 21.19 -2.51
N ALA A 482 -11.55 21.49 -1.21
CA ALA A 482 -10.55 22.35 -0.58
C ALA A 482 -9.76 21.63 0.51
N ASN A 483 -10.02 20.34 0.68
CA ASN A 483 -9.30 19.53 1.66
C ASN A 483 -8.88 18.17 1.09
#